data_2R1I
#
_entry.id   2R1I
#
_cell.length_a   144.100
_cell.length_b   40.260
_cell.length_c   81.270
_cell.angle_alpha   90.000
_cell.angle_beta   123.390
_cell.angle_gamma   90.000
#
_symmetry.space_group_name_H-M   'C 1 2 1'
#
loop_
_entity.id
_entity.type
_entity.pdbx_description
1 polymer 'GCN5-related N-acetyltransferase'
2 non-polymer 'CHLORIDE ION'
3 non-polymer 1,2-ETHANEDIOL
4 non-polymer GLYCEROL
5 water water
#
_entity_poly.entity_id   1
_entity_poly.type   'polypeptide(L)'
_entity_poly.pdbx_seq_one_letter_code
;G(MSE)DAGRGAEHDEAVTSDDSASVEVPRRATPADAATVAQ(MSE)LHDFNTEFGAPTPGTDELASRLSHLLAGEDVVV
LLAGEPPTGLAVLSFRPNVWYPGPVAILDELYVRPGRRGHRLGSALLAASCGLVRSRGGALLEINVDGEDTDARRFYEAR
GFTNTEPNGTEP(MSE)LYYYREL
;
_entity_poly.pdbx_strand_id   A,B
#
loop_
_chem_comp.id
_chem_comp.type
_chem_comp.name
_chem_comp.formula
CL non-polymer 'CHLORIDE ION' 'Cl -1'
EDO non-polymer 1,2-ETHANEDIOL 'C2 H6 O2'
GOL non-polymer GLYCEROL 'C3 H8 O3'
#
# COMPACT_ATOMS: atom_id res chain seq x y z
N ASP A 17 19.56 -8.58 -37.41
CA ASP A 17 18.08 -8.67 -37.60
C ASP A 17 17.46 -9.71 -36.67
N ASP A 18 17.98 -10.93 -36.69
CA ASP A 18 17.63 -11.98 -35.73
C ASP A 18 18.42 -11.88 -34.40
N SER A 19 19.42 -11.00 -34.37
N SER A 19 19.42 -11.01 -34.38
CA SER A 19 20.35 -10.89 -33.23
CA SER A 19 20.35 -10.91 -33.23
C SER A 19 19.72 -10.43 -31.91
C SER A 19 19.73 -10.43 -31.92
N ALA A 20 18.87 -9.42 -31.97
CA ALA A 20 18.27 -8.83 -30.76
C ALA A 20 17.14 -9.69 -30.17
N SER A 21 17.06 -9.71 -28.83
CA SER A 21 15.94 -10.34 -28.13
C SER A 21 14.89 -9.25 -27.82
N VAL A 22 13.77 -9.64 -27.23
CA VAL A 22 12.74 -8.65 -26.81
C VAL A 22 13.35 -7.69 -25.79
N GLU A 23 12.96 -6.43 -25.86
CA GLU A 23 13.51 -5.41 -24.97
C GLU A 23 13.14 -5.74 -23.53
N VAL A 24 14.11 -5.57 -22.63
CA VAL A 24 13.88 -5.79 -21.23
C VAL A 24 13.83 -4.40 -20.63
N PRO A 25 12.79 -4.10 -19.85
CA PRO A 25 12.78 -2.78 -19.19
C PRO A 25 14.02 -2.51 -18.38
N ARG A 26 14.36 -1.24 -18.23
CA ARG A 26 15.52 -0.85 -17.45
C ARG A 26 15.05 0.01 -16.27
N ARG A 27 15.81 -0.05 -15.20
CA ARG A 27 15.54 0.78 -14.04
C ARG A 27 15.98 2.20 -14.31
N ALA A 28 15.07 3.15 -14.07
CA ALA A 28 15.36 4.59 -14.11
C ALA A 28 16.36 4.97 -12.99
N THR A 29 17.37 5.72 -13.37
CA THR A 29 18.40 6.25 -12.47
C THR A 29 18.08 7.72 -12.16
N PRO A 30 18.80 8.32 -11.19
CA PRO A 30 18.57 9.73 -10.97
C PRO A 30 18.71 10.61 -12.22
N ALA A 31 19.54 10.20 -13.18
CA ALA A 31 19.73 11.00 -14.42
C ALA A 31 18.47 11.01 -15.28
N ASP A 32 17.58 10.07 -14.99
CA ASP A 32 16.30 9.98 -15.70
C ASP A 32 15.18 10.79 -15.07
N ALA A 33 15.46 11.57 -14.02
CA ALA A 33 14.37 12.30 -13.33
C ALA A 33 13.51 13.16 -14.26
N ALA A 34 14.14 13.91 -15.17
CA ALA A 34 13.38 14.77 -16.04
C ALA A 34 12.54 13.98 -17.04
N THR A 35 13.10 12.91 -17.58
CA THR A 35 12.41 12.04 -18.52
C THR A 35 11.15 11.48 -17.88
N VAL A 36 11.33 10.95 -16.69
CA VAL A 36 10.24 10.31 -15.94
C VAL A 36 9.17 11.35 -15.58
N ALA A 37 9.61 12.52 -15.13
CA ALA A 37 8.71 13.63 -14.80
C ALA A 37 7.79 13.96 -15.97
N GLN A 38 8.38 14.09 -17.14
CA GLN A 38 7.63 14.43 -18.36
C GLN A 38 6.69 13.32 -18.79
N MSE A 39 7.14 12.08 -18.71
CA MSE A 39 6.25 10.96 -18.97
C MSE A 39 5.05 10.88 -18.02
O MSE A 39 3.91 10.65 -18.50
CB MSE A 39 7.01 9.64 -18.96
CG MSE A 39 8.07 9.57 -20.01
SE MSE A 39 9.07 7.93 -19.80
CE MSE A 39 7.41 6.79 -20.19
N LEU A 40 5.28 11.09 -16.73
CA LEU A 40 4.19 11.05 -15.75
C LEU A 40 3.20 12.18 -16.00
N HIS A 41 3.75 13.33 -16.34
CA HIS A 41 2.94 14.49 -16.68
C HIS A 41 2.06 14.22 -17.91
N ASP A 42 2.70 13.75 -18.97
CA ASP A 42 2.04 13.57 -20.26
C ASP A 42 0.98 12.48 -20.20
N PHE A 43 1.28 11.38 -19.53
CA PHE A 43 0.28 10.34 -19.36
C PHE A 43 -0.97 10.85 -18.68
N ASN A 44 -0.80 11.63 -17.60
CA ASN A 44 -1.98 12.22 -16.93
C ASN A 44 -2.74 13.23 -17.75
N THR A 45 -2.05 14.22 -18.28
CA THR A 45 -2.75 15.27 -19.02
C THR A 45 -3.49 14.72 -20.26
N GLU A 46 -2.94 13.69 -20.93
CA GLU A 46 -3.59 13.12 -22.12
C GLU A 46 -4.91 12.40 -21.76
N PHE A 47 -5.02 11.89 -20.53
CA PHE A 47 -6.25 11.22 -20.10
C PHE A 47 -7.07 11.98 -19.04
N GLY A 48 -6.70 13.24 -18.84
CA GLY A 48 -7.51 14.18 -18.07
C GLY A 48 -7.33 13.97 -16.58
N ALA A 49 -6.23 13.33 -16.17
CA ALA A 49 -5.92 13.17 -14.74
C ALA A 49 -5.07 14.37 -14.31
N PRO A 50 -5.30 14.85 -13.08
CA PRO A 50 -4.53 16.00 -12.63
C PRO A 50 -3.07 15.59 -12.40
N THR A 51 -2.19 16.58 -12.47
CA THR A 51 -0.77 16.34 -12.28
C THR A 51 -0.05 17.62 -11.82
N PRO A 52 0.97 17.47 -10.95
CA PRO A 52 1.87 18.53 -10.66
C PRO A 52 2.66 18.87 -11.90
N GLY A 53 3.31 20.01 -11.92
CA GLY A 53 4.18 20.36 -12.99
C GLY A 53 5.46 19.55 -13.02
N THR A 54 6.14 19.57 -14.15
CA THR A 54 7.34 18.76 -14.32
C THR A 54 8.49 19.26 -13.42
N ASP A 55 8.54 20.55 -13.04
CA ASP A 55 9.60 21.01 -12.09
C ASP A 55 9.44 20.27 -10.75
N GLU A 56 8.21 20.24 -10.22
CA GLU A 56 7.89 19.56 -8.96
C GLU A 56 8.17 18.05 -9.03
N LEU A 57 7.70 17.42 -10.10
CA LEU A 57 7.86 15.97 -10.28
C LEU A 57 9.33 15.63 -10.41
N ALA A 58 10.05 16.36 -11.24
CA ALA A 58 11.50 16.12 -11.45
C ALA A 58 12.28 16.24 -10.14
N SER A 59 11.97 17.25 -9.34
CA SER A 59 12.63 17.47 -8.06
C SER A 59 12.34 16.28 -7.12
N ARG A 60 11.07 15.87 -7.04
CA ARG A 60 10.72 14.72 -6.23
C ARG A 60 11.43 13.46 -6.71
N LEU A 61 11.43 13.27 -8.02
CA LEU A 61 12.05 12.08 -8.58
C LEU A 61 13.59 12.04 -8.42
N SER A 62 14.24 13.19 -8.39
N SER A 62 14.23 13.21 -8.38
CA SER A 62 15.68 13.25 -8.14
CA SER A 62 15.67 13.27 -8.13
C SER A 62 15.98 12.75 -6.75
C SER A 62 15.93 12.57 -6.80
N HIS A 63 14.98 12.83 -5.88
N HIS A 63 15.03 12.77 -5.84
CA HIS A 63 15.05 12.19 -4.57
CA HIS A 63 15.15 12.12 -4.53
C HIS A 63 14.76 10.70 -4.64
C HIS A 63 14.70 10.67 -4.49
N LEU A 64 13.56 10.36 -5.08
CA LEU A 64 13.09 8.98 -5.07
C LEU A 64 13.98 8.02 -5.86
N LEU A 65 14.40 8.45 -7.05
CA LEU A 65 15.21 7.60 -7.92
C LEU A 65 16.63 7.33 -7.34
N ALA A 66 17.06 8.17 -6.40
CA ALA A 66 18.30 7.99 -5.65
C ALA A 66 18.21 6.92 -4.57
N GLY A 67 16.98 6.56 -4.18
CA GLY A 67 16.73 5.53 -3.18
C GLY A 67 16.12 4.25 -3.75
N GLU A 68 15.60 3.43 -2.83
CA GLU A 68 15.13 2.07 -3.08
C GLU A 68 13.66 1.91 -2.67
N ASP A 69 13.03 3.01 -2.18
CA ASP A 69 11.63 2.91 -1.70
C ASP A 69 10.60 2.96 -2.83
N VAL A 70 10.83 3.83 -3.80
CA VAL A 70 10.03 3.90 -5.04
C VAL A 70 11.00 3.67 -6.16
N VAL A 71 10.68 2.68 -7.00
CA VAL A 71 11.52 2.27 -8.11
C VAL A 71 10.70 2.45 -9.38
N VAL A 72 11.33 2.97 -10.44
CA VAL A 72 10.66 3.21 -11.72
C VAL A 72 11.39 2.39 -12.78
N LEU A 73 10.60 1.63 -13.54
CA LEU A 73 11.10 0.83 -14.69
C LEU A 73 10.63 1.50 -15.98
N LEU A 74 11.51 1.55 -16.99
CA LEU A 74 11.25 2.18 -18.27
C LEU A 74 11.33 1.14 -19.39
N ALA A 75 10.38 1.20 -20.31
CA ALA A 75 10.28 0.33 -21.49
C ALA A 75 10.32 1.20 -22.75
N GLY A 76 11.19 0.82 -23.68
CA GLY A 76 11.32 1.51 -24.96
C GLY A 76 12.56 2.36 -25.03
N GLU A 77 13.03 2.61 -26.25
CA GLU A 77 14.08 3.59 -26.44
C GLU A 77 13.74 4.35 -27.72
N PRO A 78 13.23 5.57 -27.58
CA PRO A 78 13.04 6.30 -26.32
C PRO A 78 11.97 5.62 -25.45
N PRO A 79 12.01 5.84 -24.13
CA PRO A 79 10.94 5.22 -23.32
C PRO A 79 9.51 5.68 -23.66
N THR A 80 8.61 4.72 -23.84
CA THR A 80 7.19 5.02 -24.09
C THR A 80 6.21 4.41 -23.08
N GLY A 81 6.76 3.65 -22.14
CA GLY A 81 6.00 3.08 -21.03
C GLY A 81 6.83 3.03 -19.76
N LEU A 82 6.15 3.02 -18.64
CA LEU A 82 6.82 2.92 -17.36
C LEU A 82 5.97 2.21 -16.33
N ALA A 83 6.66 1.67 -15.31
CA ALA A 83 6.04 1.14 -14.11
C ALA A 83 6.66 1.83 -12.88
N VAL A 84 5.80 2.11 -11.88
CA VAL A 84 6.20 2.70 -10.58
C VAL A 84 5.85 1.68 -9.51
N LEU A 85 6.89 1.29 -8.79
CA LEU A 85 6.80 0.31 -7.67
C LEU A 85 7.14 0.98 -6.38
N SER A 86 6.37 0.73 -5.31
CA SER A 86 6.75 1.16 -3.99
C SER A 86 6.92 -0.05 -3.08
N PHE A 87 7.84 0.09 -2.15
CA PHE A 87 8.21 -0.96 -1.18
C PHE A 87 8.00 -0.47 0.22
N ARG A 88 7.60 -1.38 1.09
CA ARG A 88 7.41 -1.04 2.50
C ARG A 88 7.59 -2.31 3.34
N PRO A 89 7.93 -2.15 4.62
CA PRO A 89 7.97 -3.37 5.45
C PRO A 89 6.53 -3.79 5.87
N ASN A 90 6.42 -4.93 6.52
CA ASN A 90 5.12 -5.49 6.92
C ASN A 90 5.36 -6.42 8.09
N VAL A 91 4.52 -6.41 9.13
CA VAL A 91 4.77 -7.26 10.29
C VAL A 91 4.74 -8.76 9.99
N TRP A 92 4.12 -9.17 8.88
CA TRP A 92 3.91 -10.60 8.61
C TRP A 92 4.94 -11.24 7.69
N TYR A 93 5.86 -10.46 7.12
CA TYR A 93 6.79 -10.96 6.11
C TYR A 93 8.20 -10.51 6.50
N PRO A 94 9.21 -11.34 6.18
CA PRO A 94 10.58 -10.91 6.36
C PRO A 94 11.05 -9.92 5.36
N GLY A 95 10.51 -9.97 4.16
CA GLY A 95 10.84 -8.98 3.14
C GLY A 95 9.77 -7.93 2.93
N PRO A 96 10.03 -6.99 2.02
CA PRO A 96 9.08 -5.91 1.78
C PRO A 96 7.80 -6.45 1.08
N VAL A 97 6.74 -5.65 1.18
CA VAL A 97 5.54 -5.78 0.39
C VAL A 97 5.64 -4.66 -0.66
N ALA A 98 5.33 -5.01 -1.93
CA ALA A 98 5.41 -4.05 -3.01
C ALA A 98 4.02 -3.70 -3.52
N ILE A 99 3.86 -2.46 -4.00
CA ILE A 99 2.67 -2.04 -4.74
C ILE A 99 3.11 -1.61 -6.14
N LEU A 100 2.35 -2.07 -7.12
CA LEU A 100 2.40 -1.48 -8.47
C LEU A 100 1.60 -0.17 -8.48
N ASP A 101 2.27 0.92 -8.10
CA ASP A 101 1.67 2.25 -7.94
C ASP A 101 1.08 2.72 -9.28
N GLU A 102 1.82 2.50 -10.34
CA GLU A 102 1.39 2.90 -11.67
C GLU A 102 1.95 1.95 -12.70
N LEU A 103 1.17 1.73 -13.77
CA LEU A 103 1.67 1.07 -14.93
C LEU A 103 1.09 1.89 -16.11
N TYR A 104 1.94 2.67 -16.74
CA TYR A 104 1.53 3.61 -17.76
C TYR A 104 2.04 3.19 -19.14
N VAL A 105 1.12 2.79 -20.02
CA VAL A 105 1.48 2.41 -21.39
C VAL A 105 0.37 2.96 -22.30
N ARG A 106 0.69 3.21 -23.58
CA ARG A 106 -0.32 3.69 -24.49
C ARG A 106 -1.42 2.66 -24.77
N PRO A 107 -2.67 3.13 -25.03
CA PRO A 107 -3.71 2.19 -25.43
C PRO A 107 -3.38 1.52 -26.74
N GLY A 108 -3.86 0.30 -26.92
CA GLY A 108 -3.57 -0.46 -28.12
C GLY A 108 -2.59 -1.59 -27.95
N ARG A 109 -2.40 -2.34 -29.03
CA ARG A 109 -1.63 -3.58 -28.98
C ARG A 109 -0.21 -3.29 -28.54
N ARG A 110 0.39 -2.22 -29.06
CA ARG A 110 1.80 -1.84 -28.74
C ARG A 110 2.04 -1.64 -27.25
N GLY A 111 1.21 -0.75 -26.68
CA GLY A 111 1.22 -0.40 -25.27
C GLY A 111 0.97 -1.62 -24.44
N HIS A 112 0.01 -2.44 -24.87
CA HIS A 112 -0.32 -3.62 -24.09
C HIS A 112 0.89 -4.60 -24.01
N ARG A 113 1.68 -4.71 -25.07
CA ARG A 113 2.87 -5.60 -25.04
C ARG A 113 3.88 -5.06 -24.05
N LEU A 114 4.10 -3.76 -24.11
CA LEU A 114 5.04 -3.10 -23.20
C LEU A 114 4.55 -3.27 -21.76
N GLY A 115 3.26 -3.03 -21.54
CA GLY A 115 2.68 -3.25 -20.21
C GLY A 115 2.97 -4.64 -19.68
N SER A 116 2.78 -5.65 -20.53
CA SER A 116 3.03 -7.03 -20.16
C SER A 116 4.52 -7.26 -19.76
N ALA A 117 5.44 -6.67 -20.52
CA ALA A 117 6.89 -6.71 -20.22
C ALA A 117 7.23 -5.97 -18.90
N LEU A 118 6.61 -4.83 -18.71
CA LEU A 118 6.87 -4.03 -17.51
C LEU A 118 6.41 -4.80 -16.25
N LEU A 119 5.26 -5.46 -16.36
CA LEU A 119 4.73 -6.23 -15.22
C LEU A 119 5.68 -7.39 -14.85
N ALA A 120 6.14 -8.12 -15.85
CA ALA A 120 7.05 -9.22 -15.62
C ALA A 120 8.37 -8.74 -14.99
N ALA A 121 8.91 -7.64 -15.49
CA ALA A 121 10.13 -7.09 -14.91
C ALA A 121 9.91 -6.65 -13.45
N SER A 122 8.73 -6.09 -13.17
CA SER A 122 8.35 -5.67 -11.77
C SER A 122 8.32 -6.87 -10.84
N CYS A 123 7.74 -7.99 -11.27
CA CYS A 123 7.71 -9.16 -10.40
C CYS A 123 9.14 -9.65 -10.09
N GLY A 124 10.01 -9.67 -11.08
CA GLY A 124 11.41 -10.04 -10.89
C GLY A 124 12.15 -9.15 -9.92
N LEU A 125 11.94 -7.87 -10.06
N LEU A 125 11.97 -7.85 -10.05
CA LEU A 125 12.56 -6.92 -9.16
CA LEU A 125 12.58 -6.93 -9.10
C LEU A 125 12.07 -7.08 -7.72
C LEU A 125 12.08 -7.17 -7.68
N VAL A 126 10.77 -7.29 -7.52
CA VAL A 126 10.22 -7.56 -6.20
C VAL A 126 10.85 -8.81 -5.56
N ARG A 127 10.91 -9.91 -6.34
CA ARG A 127 11.55 -11.13 -5.87
C ARG A 127 13.00 -10.87 -5.46
N SER A 128 13.72 -10.10 -6.27
CA SER A 128 15.13 -9.79 -6.03
C SER A 128 15.33 -9.08 -4.71
N ARG A 129 14.32 -8.30 -4.31
CA ARG A 129 14.33 -7.56 -3.03
C ARG A 129 13.88 -8.44 -1.84
N GLY A 130 13.57 -9.68 -2.10
CA GLY A 130 13.10 -10.59 -1.08
C GLY A 130 11.61 -10.43 -0.79
N GLY A 131 10.89 -9.79 -1.71
CA GLY A 131 9.43 -9.68 -1.61
C GLY A 131 8.67 -10.87 -2.19
N ALA A 132 7.57 -11.18 -1.52
CA ALA A 132 6.71 -12.31 -1.86
C ALA A 132 5.27 -11.87 -2.17
N LEU A 133 5.04 -10.55 -2.25
CA LEU A 133 3.71 -10.06 -2.52
C LEU A 133 3.79 -8.75 -3.28
N LEU A 134 3.03 -8.73 -4.39
CA LEU A 134 2.81 -7.51 -5.18
C LEU A 134 1.32 -7.15 -5.21
N GLU A 135 1.00 -5.93 -4.84
CA GLU A 135 -0.39 -5.46 -4.71
C GLU A 135 -0.69 -4.40 -5.75
N ILE A 136 -1.98 -4.28 -6.09
CA ILE A 136 -2.47 -3.20 -6.95
C ILE A 136 -3.84 -2.80 -6.46
N ASN A 137 -4.14 -1.51 -6.61
CA ASN A 137 -5.48 -1.03 -6.42
C ASN A 137 -6.02 -0.61 -7.81
N VAL A 138 -7.18 -1.12 -8.17
CA VAL A 138 -7.74 -0.98 -9.53
C VAL A 138 -9.21 -0.50 -9.46
N ASP A 139 -9.57 0.49 -10.27
CA ASP A 139 -10.98 0.93 -10.32
C ASP A 139 -11.83 -0.20 -10.87
N GLY A 140 -12.95 -0.49 -10.21
CA GLY A 140 -13.79 -1.60 -10.62
C GLY A 140 -14.35 -1.38 -12.01
N GLU A 141 -14.50 -0.11 -12.39
CA GLU A 141 -15.06 0.28 -13.72
C GLU A 141 -14.04 0.00 -14.83
N ASP A 142 -12.76 -0.18 -14.45
CA ASP A 142 -11.67 -0.38 -15.41
C ASP A 142 -11.50 -1.85 -15.86
N THR A 143 -12.46 -2.32 -16.67
N THR A 143 -12.44 -2.34 -16.66
CA THR A 143 -12.52 -3.72 -17.11
CA THR A 143 -12.46 -3.76 -17.02
C THR A 143 -11.27 -4.17 -17.86
C THR A 143 -11.26 -4.19 -17.87
N ASP A 144 -10.67 -3.25 -18.62
CA ASP A 144 -9.48 -3.56 -19.42
C ASP A 144 -8.29 -3.89 -18.50
N ALA A 145 -8.08 -3.07 -17.46
CA ALA A 145 -6.99 -3.30 -16.51
C ALA A 145 -7.25 -4.58 -15.72
N ARG A 146 -8.48 -4.76 -15.29
CA ARG A 146 -8.84 -5.96 -14.55
C ARG A 146 -8.57 -7.23 -15.39
N ARG A 147 -8.97 -7.23 -16.65
CA ARG A 147 -8.73 -8.40 -17.51
C ARG A 147 -7.24 -8.68 -17.71
N PHE A 148 -6.48 -7.58 -17.82
CA PHE A 148 -5.02 -7.63 -18.00
C PHE A 148 -4.29 -8.23 -16.78
N TYR A 149 -4.62 -7.76 -15.59
CA TYR A 149 -3.95 -8.30 -14.40
C TYR A 149 -4.39 -9.70 -14.09
N GLU A 150 -5.68 -9.99 -14.27
CA GLU A 150 -6.23 -11.30 -13.94
C GLU A 150 -5.61 -12.37 -14.86
N ALA A 151 -5.26 -12.00 -16.08
CA ALA A 151 -4.58 -12.92 -17.03
C ALA A 151 -3.11 -13.17 -16.69
N ARG A 152 -2.57 -12.38 -15.76
CA ARG A 152 -1.15 -12.41 -15.36
C ARG A 152 -0.99 -12.62 -13.83
N GLY A 153 -1.83 -13.47 -13.26
CA GLY A 153 -1.59 -14.02 -11.91
C GLY A 153 -2.14 -13.25 -10.73
N PHE A 154 -2.85 -12.15 -10.99
CA PHE A 154 -3.46 -11.40 -9.91
C PHE A 154 -4.89 -11.80 -9.62
N THR A 155 -5.28 -11.75 -8.35
CA THR A 155 -6.67 -11.98 -7.95
C THR A 155 -7.17 -10.91 -6.98
N ASN A 156 -8.47 -10.63 -6.96
N ASN A 156 -8.49 -10.73 -6.96
CA ASN A 156 -9.04 -9.69 -5.99
CA ASN A 156 -9.19 -9.73 -6.18
C ASN A 156 -9.80 -10.39 -4.87
C ASN A 156 -9.95 -10.41 -5.02
N THR A 157 -9.76 -11.72 -4.87
CA THR A 157 -10.43 -12.48 -3.82
C THR A 157 -9.43 -13.48 -3.26
N GLU A 158 -9.43 -13.66 -1.96
CA GLU A 158 -8.61 -14.72 -1.36
C GLU A 158 -9.20 -16.07 -1.72
N PRO A 159 -8.42 -17.15 -1.54
CA PRO A 159 -8.95 -18.47 -1.96
C PRO A 159 -10.20 -18.87 -1.18
N ASN A 160 -10.17 -18.71 0.14
CA ASN A 160 -11.35 -19.01 0.98
C ASN A 160 -12.29 -17.81 1.09
N GLY A 161 -12.02 -16.76 0.30
CA GLY A 161 -12.90 -15.62 0.17
C GLY A 161 -14.03 -15.83 -0.82
N THR A 162 -15.13 -15.15 -0.55
CA THR A 162 -16.33 -15.26 -1.36
C THR A 162 -16.59 -14.06 -2.26
N GLU A 163 -15.93 -12.92 -2.01
CA GLU A 163 -16.17 -11.74 -2.82
C GLU A 163 -14.95 -10.81 -2.80
N PRO A 164 -14.93 -9.81 -3.68
CA PRO A 164 -13.83 -8.86 -3.88
C PRO A 164 -13.35 -8.15 -2.66
N MSE A 165 -12.03 -8.03 -2.57
N MSE A 165 -12.04 -8.02 -2.53
CA MSE A 165 -11.39 -7.15 -1.58
CA MSE A 165 -11.48 -7.13 -1.53
C MSE A 165 -11.47 -5.74 -2.10
C MSE A 165 -11.45 -5.73 -2.08
O MSE A 165 -11.33 -5.52 -3.29
O MSE A 165 -11.24 -5.54 -3.27
CB MSE A 165 -9.94 -7.59 -1.38
CB MSE A 165 -10.12 -7.60 -1.07
CG MSE A 165 -9.89 -8.96 -0.75
CG MSE A 165 -10.26 -8.88 -0.29
SE MSE A 165 -8.17 -9.64 -0.40
SE MSE A 165 -8.78 -9.30 0.80
CE MSE A 165 -7.92 -10.32 -2.02
CE MSE A 165 -8.57 -7.65 1.88
N LEU A 166 -11.75 -4.80 -1.19
CA LEU A 166 -12.02 -3.44 -1.54
C LEU A 166 -10.92 -2.51 -1.07
N TYR A 167 -10.68 -1.47 -1.84
CA TYR A 167 -9.77 -0.41 -1.48
C TYR A 167 -10.58 0.78 -0.96
N TYR A 168 -10.26 1.20 0.27
CA TYR A 168 -10.85 2.35 0.91
C TYR A 168 -9.80 3.39 1.17
N TYR A 169 -10.18 4.67 1.10
CA TYR A 169 -9.24 5.72 1.48
C TYR A 169 -9.92 6.89 2.13
N ARG A 170 -9.12 7.73 2.79
CA ARG A 170 -9.59 8.94 3.45
C ARG A 170 -8.51 9.96 3.19
N GLU A 171 -8.92 11.09 2.61
CA GLU A 171 -8.02 12.23 2.38
C GLU A 171 -7.95 13.00 3.69
N LEU A 172 -6.73 13.30 4.14
CA LEU A 172 -6.51 13.86 5.45
C LEU A 172 -6.00 15.29 5.35
N ASP B 17 -12.62 13.60 38.89
CA ASP B 17 -12.20 14.99 39.30
C ASP B 17 -10.70 15.24 39.10
N ASP B 18 -10.05 14.35 38.33
CA ASP B 18 -8.78 14.67 37.67
C ASP B 18 -8.86 14.15 36.26
N SER B 19 -9.16 12.85 36.07
CA SER B 19 -8.83 12.18 34.82
C SER B 19 -9.53 12.72 33.56
N ALA B 20 -8.82 12.54 32.45
CA ALA B 20 -9.36 12.82 31.13
C ALA B 20 -10.54 11.87 30.81
N SER B 21 -11.50 12.39 30.04
CA SER B 21 -12.65 11.62 29.57
C SER B 21 -12.24 10.36 28.82
N VAL B 22 -11.21 10.50 28.01
CA VAL B 22 -10.83 9.45 27.10
C VAL B 22 -9.32 9.25 27.12
N GLU B 23 -8.89 8.00 27.02
N GLU B 23 -8.93 8.00 26.89
CA GLU B 23 -7.46 7.67 27.05
CA GLU B 23 -7.87 7.62 25.93
C GLU B 23 -6.90 7.67 25.66
C GLU B 23 -6.40 7.98 26.05
N VAL B 24 -5.62 7.96 25.57
N VAL B 24 -6.03 8.63 24.94
CA VAL B 24 -5.04 8.24 24.30
CA VAL B 24 -4.77 8.51 24.21
C VAL B 24 -4.07 7.12 23.95
C VAL B 24 -4.20 7.06 24.02
N PRO B 25 -4.31 6.48 22.81
CA PRO B 25 -3.45 5.37 22.46
C PRO B 25 -1.98 5.80 22.51
N ARG B 26 -1.10 4.87 22.79
CA ARG B 26 0.32 5.24 22.80
C ARG B 26 1.10 4.46 21.77
N ARG B 27 2.19 5.04 21.33
CA ARG B 27 3.01 4.44 20.32
C ARG B 27 3.89 3.37 20.96
N ALA B 28 3.89 2.19 20.35
CA ALA B 28 4.70 1.09 20.79
C ALA B 28 6.16 1.41 20.43
N THR B 29 7.02 1.13 21.39
CA THR B 29 8.45 1.32 21.25
C THR B 29 9.15 -0.04 21.17
N PRO B 30 10.46 -0.06 20.91
CA PRO B 30 11.18 -1.35 20.93
C PRO B 30 10.98 -2.20 22.20
N ALA B 31 10.80 -1.57 23.37
CA ALA B 31 10.52 -2.31 24.58
C ALA B 31 9.25 -3.15 24.52
N ASP B 32 8.32 -2.76 23.65
CA ASP B 32 7.01 -3.39 23.49
C ASP B 32 7.03 -4.52 22.43
N ALA B 33 8.21 -4.87 21.89
CA ALA B 33 8.23 -5.90 20.84
C ALA B 33 7.54 -7.23 21.23
N ALA B 34 7.91 -7.79 22.37
CA ALA B 34 7.30 -9.04 22.89
C ALA B 34 5.80 -8.89 23.08
N THR B 35 5.38 -7.74 23.60
CA THR B 35 3.96 -7.52 23.88
C THR B 35 3.18 -7.52 22.58
N VAL B 36 3.65 -6.74 21.62
CA VAL B 36 2.99 -6.63 20.34
C VAL B 36 2.97 -8.00 19.64
N ALA B 37 4.10 -8.72 19.64
CA ALA B 37 4.16 -10.04 19.02
C ALA B 37 3.10 -10.96 19.61
N GLN B 38 2.98 -10.97 20.94
CA GLN B 38 1.98 -11.80 21.63
C GLN B 38 0.57 -11.43 21.19
N MSE B 39 0.29 -10.12 21.11
CA MSE B 39 -1.05 -9.67 20.75
C MSE B 39 -1.43 -10.04 19.29
O MSE B 39 -2.54 -10.54 19.04
CB MSE B 39 -1.22 -8.17 21.00
CG MSE B 39 -1.15 -7.73 22.48
SE MSE B 39 -1.02 -5.79 22.44
CE MSE B 39 -2.93 -5.61 21.82
N LEU B 40 -0.50 -9.84 18.35
CA LEU B 40 -0.68 -10.26 16.98
C LEU B 40 -0.92 -11.77 16.86
N HIS B 41 -0.07 -12.54 17.56
CA HIS B 41 -0.20 -13.98 17.51
C HIS B 41 -1.56 -14.42 18.06
N ASP B 42 -1.90 -13.90 19.23
CA ASP B 42 -3.12 -14.30 19.94
C ASP B 42 -4.39 -13.91 19.18
N PHE B 43 -4.42 -12.71 18.60
CA PHE B 43 -5.57 -12.26 17.81
C PHE B 43 -5.74 -13.24 16.65
N ASN B 44 -4.65 -13.57 15.97
CA ASN B 44 -4.76 -14.45 14.80
C ASN B 44 -5.25 -15.82 15.21
N THR B 45 -4.66 -16.39 16.25
CA THR B 45 -5.01 -17.75 16.63
C THR B 45 -6.47 -17.79 17.15
N GLU B 46 -6.86 -16.76 17.88
CA GLU B 46 -8.23 -16.73 18.43
C GLU B 46 -9.30 -16.71 17.35
N PHE B 47 -8.99 -16.09 16.22
CA PHE B 47 -9.94 -15.90 15.12
C PHE B 47 -9.64 -16.76 13.88
N GLY B 48 -8.73 -17.72 14.03
CA GLY B 48 -8.49 -18.72 12.98
C GLY B 48 -7.62 -18.32 11.81
N ALA B 49 -6.79 -17.28 11.97
CA ALA B 49 -5.88 -16.81 10.92
C ALA B 49 -4.50 -17.42 11.18
N PRO B 50 -3.79 -17.80 10.10
CA PRO B 50 -2.42 -18.27 10.31
C PRO B 50 -1.54 -17.16 10.84
N THR B 51 -0.52 -17.56 11.55
CA THR B 51 0.42 -16.63 12.13
C THR B 51 1.82 -17.28 12.22
N PRO B 52 2.88 -16.46 12.08
CA PRO B 52 4.20 -16.91 12.46
C PRO B 52 4.19 -17.06 14.00
N GLY B 53 5.20 -17.71 14.54
CA GLY B 53 5.35 -17.74 15.97
C GLY B 53 5.74 -16.41 16.58
N THR B 54 5.55 -16.31 17.88
CA THR B 54 5.91 -15.09 18.57
C THR B 54 7.41 -14.76 18.45
N ASP B 55 8.29 -15.78 18.41
CA ASP B 55 9.72 -15.48 18.30
C ASP B 55 10.02 -14.69 17.04
N GLU B 56 9.50 -15.18 15.91
CA GLU B 56 9.71 -14.54 14.66
C GLU B 56 9.12 -13.12 14.68
N LEU B 57 7.90 -13.01 15.18
CA LEU B 57 7.24 -11.69 15.23
C LEU B 57 8.01 -10.72 16.12
N ALA B 58 8.38 -11.16 17.31
CA ALA B 58 9.11 -10.27 18.27
C ALA B 58 10.45 -9.83 17.67
N SER B 59 11.14 -10.75 16.99
N SER B 59 11.13 -10.76 16.99
CA SER B 59 12.38 -10.37 16.36
CA SER B 59 12.37 -10.40 16.33
C SER B 59 12.17 -9.32 15.28
C SER B 59 12.17 -9.33 15.28
N ARG B 60 11.16 -9.53 14.43
CA ARG B 60 10.88 -8.55 13.38
C ARG B 60 10.46 -7.23 13.98
N LEU B 61 9.64 -7.30 15.03
CA LEU B 61 9.15 -6.07 15.64
C LEU B 61 10.28 -5.28 16.32
N SER B 62 11.25 -5.99 16.85
CA SER B 62 12.40 -5.34 17.50
C SER B 62 13.13 -4.49 16.47
N HIS B 63 13.08 -4.85 15.20
CA HIS B 63 13.57 -3.96 14.15
C HIS B 63 12.56 -2.84 13.78
N LEU B 64 11.33 -3.23 13.41
CA LEU B 64 10.36 -2.30 12.90
C LEU B 64 10.05 -1.18 13.89
N LEU B 65 9.89 -1.54 15.15
CA LEU B 65 9.50 -0.54 16.14
C LEU B 65 10.59 0.50 16.45
N ALA B 66 11.83 0.25 16.03
CA ALA B 66 12.92 1.17 16.17
C ALA B 66 12.92 2.17 15.01
N GLY B 67 12.15 1.89 13.96
CA GLY B 67 11.99 2.76 12.78
C GLY B 67 10.68 3.53 12.69
N GLU B 68 10.54 4.24 11.57
CA GLU B 68 9.36 5.05 11.27
C GLU B 68 8.51 4.52 10.12
N ASP B 69 8.86 3.39 9.56
CA ASP B 69 8.15 2.88 8.38
C ASP B 69 6.90 2.09 8.71
N VAL B 70 6.94 1.33 9.82
CA VAL B 70 5.80 0.61 10.34
C VAL B 70 5.65 1.12 11.78
N VAL B 71 4.48 1.64 12.11
CA VAL B 71 4.22 2.22 13.42
C VAL B 71 3.09 1.41 14.03
N VAL B 72 3.22 1.09 15.33
CA VAL B 72 2.17 0.36 16.04
C VAL B 72 1.65 1.28 17.15
N LEU B 73 0.33 1.48 17.19
CA LEU B 73 -0.35 2.20 18.28
C LEU B 73 -1.11 1.21 19.17
N LEU B 74 -1.02 1.42 20.48
CA LEU B 74 -1.62 0.53 21.46
C LEU B 74 -2.71 1.27 22.27
N ALA B 75 -3.84 0.62 22.50
CA ALA B 75 -4.95 1.18 23.30
C ALA B 75 -5.20 0.23 24.46
N GLY B 76 -5.40 0.83 25.64
CA GLY B 76 -5.65 0.07 26.84
C GLY B 76 -4.38 -0.05 27.65
N GLU B 77 -4.52 -0.07 28.98
CA GLU B 77 -3.37 -0.37 29.84
C GLU B 77 -3.88 -1.34 30.90
N PRO B 78 -3.54 -2.63 30.77
CA PRO B 78 -2.68 -3.21 29.74
C PRO B 78 -3.34 -3.18 28.36
N PRO B 79 -2.54 -3.09 27.29
CA PRO B 79 -3.16 -2.97 25.95
C PRO B 79 -4.04 -4.15 25.53
N THR B 80 -5.21 -3.83 24.99
CA THR B 80 -6.14 -4.81 24.50
C THR B 80 -6.57 -4.57 23.02
N GLY B 81 -6.09 -3.49 22.42
CA GLY B 81 -6.23 -3.27 20.99
C GLY B 81 -4.96 -2.67 20.42
N LEU B 82 -4.83 -2.79 19.10
CA LEU B 82 -3.74 -2.12 18.42
C LEU B 82 -4.05 -1.77 16.99
N ALA B 83 -3.28 -0.85 16.47
CA ALA B 83 -3.30 -0.47 15.05
C ALA B 83 -1.87 -0.58 14.53
N VAL B 84 -1.74 -1.03 13.28
CA VAL B 84 -0.47 -1.10 12.55
C VAL B 84 -0.63 -0.22 11.32
N LEU B 85 0.27 0.75 11.19
CA LEU B 85 0.34 1.66 10.06
C LEU B 85 1.64 1.48 9.28
N SER B 86 1.58 1.52 7.96
CA SER B 86 2.80 1.56 7.20
C SER B 86 2.87 2.85 6.41
N PHE B 87 4.10 3.30 6.17
CA PHE B 87 4.29 4.57 5.44
C PHE B 87 5.23 4.31 4.23
N ARG B 88 4.98 5.00 3.13
CA ARG B 88 5.84 4.88 1.95
C ARG B 88 5.81 6.16 1.16
N PRO B 89 6.81 6.44 0.31
CA PRO B 89 6.75 7.59 -0.57
C PRO B 89 5.87 7.32 -1.78
N ASN B 90 5.52 8.39 -2.51
CA ASN B 90 4.66 8.30 -3.67
C ASN B 90 5.03 9.42 -4.62
N VAL B 91 5.06 9.15 -5.93
CA VAL B 91 5.49 10.18 -6.92
C VAL B 91 4.59 11.43 -6.93
N TRP B 92 3.33 11.28 -6.49
CA TRP B 92 2.32 12.35 -6.61
C TRP B 92 2.19 13.23 -5.38
N TYR B 93 2.84 12.88 -4.29
CA TYR B 93 2.67 13.62 -3.03
C TYR B 93 4.03 14.01 -2.46
N PRO B 94 4.08 15.18 -1.77
CA PRO B 94 5.29 15.54 -1.05
C PRO B 94 5.51 14.73 0.23
N GLY B 95 4.43 14.27 0.85
CA GLY B 95 4.52 13.47 2.06
C GLY B 95 4.27 12.00 1.80
N PRO B 96 4.40 11.18 2.85
CA PRO B 96 4.15 9.76 2.66
C PRO B 96 2.66 9.44 2.40
N VAL B 97 2.40 8.23 1.89
CA VAL B 97 1.04 7.67 1.87
C VAL B 97 1.08 6.59 2.93
N ALA B 98 0.01 6.50 3.72
CA ALA B 98 -0.05 5.55 4.83
C ALA B 98 -1.12 4.50 4.54
N ILE B 99 -0.90 3.26 5.06
CA ILE B 99 -1.93 2.22 5.05
C ILE B 99 -2.18 1.81 6.49
N LEU B 100 -3.46 1.67 6.83
CA LEU B 100 -3.85 0.97 8.05
C LEU B 100 -3.74 -0.52 7.76
N ASP B 101 -2.55 -1.04 8.00
CA ASP B 101 -2.22 -2.43 7.76
C ASP B 101 -3.12 -3.36 8.59
N GLU B 102 -3.37 -3.01 9.85
CA GLU B 102 -4.21 -3.80 10.73
C GLU B 102 -4.88 -2.90 11.74
N LEU B 103 -6.07 -3.30 12.13
CA LEU B 103 -6.74 -2.73 13.28
C LEU B 103 -7.33 -3.92 14.05
N TYR B 104 -6.71 -4.23 15.17
CA TYR B 104 -7.04 -5.44 15.96
C TYR B 104 -7.70 -5.04 17.24
N VAL B 105 -9.02 -5.22 17.33
CA VAL B 105 -9.73 -4.97 18.59
C VAL B 105 -10.77 -6.07 18.74
N ARG B 106 -11.21 -6.29 19.96
CA ARG B 106 -12.18 -7.35 20.21
C ARG B 106 -13.58 -6.95 19.74
N PRO B 107 -14.41 -7.96 19.42
CA PRO B 107 -15.82 -7.68 19.09
C PRO B 107 -16.50 -6.99 20.23
N GLY B 108 -17.52 -6.21 19.89
CA GLY B 108 -18.38 -5.64 20.88
C GLY B 108 -18.12 -4.17 21.12
N ARG B 109 -18.93 -3.60 22.02
CA ARG B 109 -18.90 -2.17 22.31
C ARG B 109 -17.49 -1.71 22.67
N ARG B 110 -16.82 -2.50 23.48
CA ARG B 110 -15.56 -2.07 24.07
C ARG B 110 -14.48 -1.95 23.00
N GLY B 111 -14.33 -3.01 22.21
CA GLY B 111 -13.38 -3.00 21.14
C GLY B 111 -13.69 -1.94 20.12
N HIS B 112 -14.99 -1.67 19.88
CA HIS B 112 -15.38 -0.67 18.91
C HIS B 112 -14.93 0.73 19.37
N ARG B 113 -15.05 0.98 20.68
CA ARG B 113 -14.61 2.25 21.25
C ARG B 113 -13.09 2.41 21.09
N LEU B 114 -12.36 1.36 21.45
CA LEU B 114 -10.91 1.34 21.28
C LEU B 114 -10.52 1.52 19.79
N GLY B 115 -11.23 0.80 18.91
CA GLY B 115 -10.96 0.91 17.47
C GLY B 115 -11.15 2.33 16.93
N SER B 116 -12.22 2.98 17.37
CA SER B 116 -12.49 4.36 17.02
C SER B 116 -11.37 5.28 17.50
N ALA B 117 -10.91 5.04 18.72
CA ALA B 117 -9.80 5.83 19.32
C ALA B 117 -8.51 5.62 18.55
N LEU B 118 -8.25 4.36 18.21
CA LEU B 118 -7.06 4.01 17.47
C LEU B 118 -7.06 4.61 16.06
N LEU B 119 -8.23 4.60 15.39
CA LEU B 119 -8.32 5.20 14.04
C LEU B 119 -8.08 6.72 14.10
N ALA B 120 -8.71 7.40 15.05
CA ALA B 120 -8.51 8.83 15.20
C ALA B 120 -7.03 9.15 15.42
N ALA B 121 -6.40 8.41 16.33
CA ALA B 121 -4.96 8.59 16.61
C ALA B 121 -4.09 8.34 15.38
N SER B 122 -4.45 7.31 14.62
CA SER B 122 -3.74 6.98 13.39
C SER B 122 -3.81 8.16 12.40
N CYS B 123 -4.99 8.74 12.23
CA CYS B 123 -5.15 9.91 11.33
C CYS B 123 -4.28 11.06 11.78
N GLY B 124 -4.27 11.34 13.09
CA GLY B 124 -3.45 12.40 13.62
C GLY B 124 -1.97 12.19 13.37
N LEU B 125 -1.51 10.97 13.54
N LEU B 125 -1.55 10.95 13.52
CA LEU B 125 -0.11 10.65 13.27
CA LEU B 125 -0.14 10.57 13.31
C LEU B 125 0.25 10.83 11.80
C LEU B 125 0.28 10.69 11.85
N VAL B 126 -0.58 10.29 10.91
CA VAL B 126 -0.33 10.39 9.49
C VAL B 126 -0.23 11.86 9.13
N ARG B 127 -1.16 12.68 9.65
CA ARG B 127 -1.12 14.15 9.37
C ARG B 127 0.15 14.80 9.91
N SER B 128 0.58 14.37 11.09
CA SER B 128 1.82 14.86 11.69
C SER B 128 3.07 14.58 10.88
N ARG B 129 3.05 13.52 10.08
CA ARG B 129 4.16 13.09 9.22
C ARG B 129 4.06 13.77 7.82
N GLY B 130 3.10 14.66 7.63
CA GLY B 130 2.84 15.30 6.36
C GLY B 130 2.07 14.47 5.37
N GLY B 131 1.43 13.40 5.86
CA GLY B 131 0.66 12.53 5.01
C GLY B 131 -0.72 13.07 4.78
N ALA B 132 -1.19 12.96 3.55
CA ALA B 132 -2.51 13.45 3.19
C ALA B 132 -3.49 12.35 2.77
N LEU B 133 -3.08 11.11 2.97
CA LEU B 133 -3.86 10.00 2.47
C LEU B 133 -3.60 8.80 3.38
N LEU B 134 -4.70 8.18 3.82
CA LEU B 134 -4.69 6.92 4.56
C LEU B 134 -5.58 5.92 3.83
N GLU B 135 -5.00 4.79 3.48
CA GLU B 135 -5.59 3.70 2.72
C GLU B 135 -5.86 2.46 3.62
N ILE B 136 -6.84 1.66 3.24
CA ILE B 136 -7.18 0.39 3.86
C ILE B 136 -7.60 -0.58 2.78
N ASN B 137 -7.23 -1.83 2.92
CA ASN B 137 -7.79 -2.90 2.09
C ASN B 137 -8.75 -3.73 2.98
N VAL B 138 -10.00 -3.87 2.56
CA VAL B 138 -11.05 -4.43 3.41
C VAL B 138 -11.77 -5.56 2.63
N ASP B 139 -11.93 -6.72 3.26
N ASP B 139 -11.95 -6.71 3.26
CA ASP B 139 -12.77 -7.81 2.68
CA ASP B 139 -12.78 -7.78 2.69
C ASP B 139 -14.17 -7.28 2.45
C ASP B 139 -14.18 -7.25 2.45
N GLY B 140 -14.68 -7.39 1.22
CA GLY B 140 -16.01 -6.91 0.88
C GLY B 140 -17.11 -7.55 1.74
N GLU B 141 -16.85 -8.77 2.20
CA GLU B 141 -17.77 -9.50 3.08
C GLU B 141 -17.87 -8.88 4.47
N ASP B 142 -16.85 -8.15 4.91
CA ASP B 142 -16.77 -7.65 6.29
C ASP B 142 -17.59 -6.36 6.42
N THR B 143 -18.91 -6.54 6.49
CA THR B 143 -19.86 -5.44 6.60
C THR B 143 -19.64 -4.55 7.83
N ASP B 144 -19.30 -5.15 8.95
CA ASP B 144 -19.18 -4.38 10.18
C ASP B 144 -17.98 -3.42 10.03
N ALA B 145 -16.88 -3.90 9.47
CA ALA B 145 -15.68 -3.08 9.22
C ALA B 145 -15.98 -1.99 8.19
N ARG B 146 -16.62 -2.34 7.09
CA ARG B 146 -17.06 -1.34 6.12
C ARG B 146 -17.91 -0.23 6.73
N ARG B 147 -18.87 -0.56 7.59
CA ARG B 147 -19.72 0.45 8.20
C ARG B 147 -18.92 1.40 9.13
N PHE B 148 -18.06 0.78 9.94
CA PHE B 148 -17.15 1.45 10.87
C PHE B 148 -16.31 2.44 10.09
N TYR B 149 -15.67 2.02 9.02
CA TYR B 149 -14.80 2.96 8.27
C TYR B 149 -15.56 4.05 7.50
N GLU B 150 -16.71 3.68 6.94
CA GLU B 150 -17.52 4.65 6.24
C GLU B 150 -18.11 5.71 7.17
N ALA B 151 -18.33 5.35 8.44
CA ALA B 151 -18.84 6.30 9.42
C ALA B 151 -17.74 7.30 9.83
N ARG B 152 -16.50 6.98 9.48
CA ARG B 152 -15.31 7.73 9.87
C ARG B 152 -14.55 8.29 8.67
N GLY B 153 -15.28 8.56 7.61
CA GLY B 153 -14.74 9.36 6.51
C GLY B 153 -14.05 8.62 5.39
N PHE B 154 -14.08 7.29 5.39
CA PHE B 154 -13.48 6.49 4.33
C PHE B 154 -14.48 6.17 3.25
N THR B 155 -13.98 6.11 2.01
CA THR B 155 -14.78 5.76 0.86
C THR B 155 -14.08 4.71 0.02
N ASN B 156 -14.85 3.88 -0.69
N ASN B 156 -14.90 3.94 -0.69
CA ASN B 156 -14.25 2.94 -1.64
CA ASN B 156 -14.49 2.87 -1.59
C ASN B 156 -14.46 3.33 -3.11
C ASN B 156 -14.77 3.23 -3.07
N THR B 157 -15.08 4.48 -3.34
CA THR B 157 -15.27 4.94 -4.72
C THR B 157 -14.67 6.33 -4.86
N GLU B 158 -14.04 6.60 -5.99
CA GLU B 158 -13.51 7.94 -6.27
C GLU B 158 -14.70 8.90 -6.45
N PRO B 159 -14.48 10.21 -6.25
CA PRO B 159 -15.59 11.18 -6.27
C PRO B 159 -16.53 11.04 -7.48
N ASN B 160 -15.94 10.99 -8.68
CA ASN B 160 -16.70 10.90 -9.93
C ASN B 160 -16.77 9.43 -10.41
N GLY B 161 -16.83 8.50 -9.46
CA GLY B 161 -16.75 7.07 -9.78
C GLY B 161 -18.08 6.35 -9.57
N THR B 162 -18.28 5.28 -10.34
CA THR B 162 -19.47 4.46 -10.23
C THR B 162 -19.37 3.58 -9.02
N GLU B 163 -18.37 2.70 -9.05
CA GLU B 163 -18.41 1.46 -8.32
C GLU B 163 -17.14 1.28 -7.49
N PRO B 164 -17.10 0.23 -6.66
CA PRO B 164 -15.96 0.02 -5.80
C PRO B 164 -14.57 -0.06 -6.46
N MSE B 165 -13.61 0.45 -5.72
N MSE B 165 -13.59 0.58 -5.81
CA MSE B 165 -12.21 0.27 -6.03
CA MSE B 165 -12.17 0.34 -6.13
C MSE B 165 -11.82 -1.08 -5.45
C MSE B 165 -11.73 -0.96 -5.45
O MSE B 165 -12.30 -1.50 -4.39
O MSE B 165 -12.08 -1.23 -4.29
CB MSE B 165 -11.40 1.37 -5.39
CB MSE B 165 -11.28 1.52 -5.67
CG MSE B 165 -12.19 2.65 -5.35
CG MSE B 165 -11.49 2.83 -6.43
SE MSE B 165 -11.05 4.11 -5.55
SE MSE B 165 -10.20 4.20 -5.86
CE MSE B 165 -10.39 3.49 -7.30
CE MSE B 165 -11.21 4.83 -4.35
N LEU B 166 -10.96 -1.77 -6.18
CA LEU B 166 -10.63 -3.14 -5.79
C LEU B 166 -9.16 -3.34 -5.46
N TYR B 167 -8.90 -4.23 -4.49
CA TYR B 167 -7.56 -4.68 -4.17
C TYR B 167 -7.25 -6.01 -4.87
N TYR B 168 -6.15 -6.03 -5.63
CA TYR B 168 -5.58 -7.19 -6.30
C TYR B 168 -4.18 -7.53 -5.74
N TYR B 169 -3.86 -8.82 -5.70
CA TYR B 169 -2.53 -9.23 -5.27
C TYR B 169 -2.08 -10.43 -6.08
N ARG B 170 -0.76 -10.61 -6.09
CA ARG B 170 -0.09 -11.75 -6.68
C ARG B 170 1.03 -12.16 -5.71
N GLU B 171 0.99 -13.44 -5.29
CA GLU B 171 2.06 -14.00 -4.48
C GLU B 171 3.21 -14.34 -5.43
N LEU B 172 4.43 -14.07 -4.99
CA LEU B 172 5.66 -14.22 -5.77
C LEU B 172 6.61 -15.14 -5.04
CL CL C . -11.66 -0.19 -18.99
C1 EDO D . -12.95 10.21 0.64
O1 EDO D . -12.90 9.66 1.96
C2 EDO D . -12.05 11.42 0.61
O2 EDO D . -11.62 11.54 1.95
C1 EDO E . 14.02 -10.91 3.19
O1 EDO E . 13.18 -11.99 2.70
C2 EDO E . 14.24 -9.93 2.03
O2 EDO E . 14.79 -8.66 2.41
C1 EDO F . -0.80 16.87 5.88
O1 EDO F . -0.09 17.29 7.07
C2 EDO F . -2.25 16.45 6.17
O2 EDO F . -3.13 16.86 5.09
C1 GOL G . -2.92 12.80 -8.34
O1 GOL G . -2.64 14.14 -8.64
C2 GOL G . -2.70 11.96 -9.61
O2 GOL G . -3.57 12.42 -10.64
C3 GOL G . -2.90 10.47 -9.34
O3 GOL G . -2.79 9.73 -10.53
C1 GOL H . -4.26 -11.81 0.75
O1 GOL H . -5.30 -10.86 0.96
C2 GOL H . -2.92 -11.21 1.11
O2 GOL H . -2.94 -9.83 0.84
C3 GOL H . -1.76 -11.85 0.36
O3 GOL H . -1.79 -13.26 0.45
C1 EDO I . -20.44 -7.69 22.84
O1 EDO I . -20.18 -8.43 21.65
C2 EDO I . -21.29 -6.47 22.56
O2 EDO I . -20.88 -5.39 23.37
C1 EDO J . -1.70 -15.43 -5.50
O1 EDO J . -0.72 -15.25 -6.50
C2 EDO J . -3.08 -15.42 -6.15
O2 EDO J . -3.22 -14.23 -6.93
C1 EDO K . 2.16 -18.51 -5.67
O1 EDO K . 3.47 -18.38 -5.10
C2 EDO K . 2.12 -17.76 -7.00
O2 EDO K . 0.99 -16.87 -7.06
C1 EDO L . 4.37 18.32 8.20
O1 EDO L . 2.97 18.41 8.54
C2 EDO L . 4.65 18.70 6.75
O2 EDO L . 3.45 18.86 5.96
C1 GOL M . -8.88 -21.18 18.52
O1 GOL M . -9.41 -21.11 17.21
C2 GOL M . -9.32 -20.01 19.38
O2 GOL M . -8.71 -20.04 20.67
C3 GOL M . -10.83 -19.98 19.49
O3 GOL M . -11.50 -18.73 19.35
C1 GOL N . -0.60 6.08 -5.06
O1 GOL N . -0.94 5.11 -6.00
C2 GOL N . -1.79 6.74 -4.39
O2 GOL N . -2.42 5.81 -3.55
C3 GOL N . -2.68 7.35 -5.46
O3 GOL N . -3.47 8.38 -4.89
C1 GOL O . -6.33 -5.15 6.93
O1 GOL O . -6.30 -4.82 5.53
C2 GOL O . -7.35 -4.40 7.84
O2 GOL O . -6.87 -3.13 8.26
C3 GOL O . -8.77 -4.27 7.23
O3 GOL O . -9.72 -3.87 8.20
C1 GOL P . -1.05 -13.07 7.69
O1 GOL P . -0.07 -14.09 7.53
C2 GOL P . -1.88 -13.39 8.94
O2 GOL P . -2.57 -14.62 8.71
C3 GOL P . -2.87 -12.29 9.36
O3 GOL P . -2.93 -11.22 8.44
#